data_8B47
#
_entry.id   8B47
#
_cell.length_a   63.406
_cell.length_b   145.885
_cell.length_c   54.904
_cell.angle_alpha   90.000
_cell.angle_beta   90.000
_cell.angle_gamma   90.000
#
_symmetry.space_group_name_H-M   'P 21 21 2'
#
loop_
_entity.id
_entity.type
_entity.pdbx_description
1 polymer 'NAD kinase 1'
2 non-polymer (1~{R},23~{R},24~{S},25~{R})-14-[[(2~{R},3~{S},4~{R},5~{R})-5-(6-aminopurin-9-yl)-3,4-bis(oxidanyl)oxolan-2-yl]methyl]-7-azanyl-24,25-bis(oxidanyl)-20,20-bis(oxidanylidene)-26-oxa-20$l^{6}-thia-2,4,6,9,14,17,21-heptazatetracyclo[21.2.1.0^{2,10}.0^{3,8}]hexacosa-3,5,7,9-tetraen-11-yn-16-one
3 non-polymer 'PENTAETHYLENE GLYCOL'
4 non-polymer 'PHOSPHATE ION'
5 water water
#
_entity_poly.entity_id   1
_entity_poly.type   'polypeptide(L)'
_entity_poly.pdbx_seq_one_letter_code
;MKYMITSKGDEKSDLLRLNMIAGFGEYDMEYDDVEPEIVISIGGDGTFLSAFHQYEERLDEIAFIGIHTGHLGFYADWRP
AEADKLVKLLAKGEYQKVSYPLLKTTVKYGIGKKEATYLALNESTVKSSGGPFVVDVVINDIHFERFRGDGLCMSTPSGT
TAYNKSLGGALMHPSIEAMQLTEMASINNRVYRTIGSPLVFPKHHVVSLQPVNDKDFQISVDHLSILHRDVQEIRYEVSA
KKIHFARFRSFPFWRRVHDSFIEDLEHHHHHH
;
_entity_poly.pdbx_strand_id   A,B
#
loop_
_chem_comp.id
_chem_comp.type
_chem_comp.name
_chem_comp.formula
1PE non-polymer 'PENTAETHYLENE GLYCOL' 'C10 H22 O6'
OWU non-polymer (1~{R},23~{R},24~{S},25~{R})-14-[[(2~{R},3~{S},4~{R},5~{R})-5-(6-aminopurin-9-yl)-3,4-bis(oxidanyl)oxolan-2-yl]methyl]-7-azanyl-24,25-bis(oxidanyl)-20,20-bis(oxidanylidene)-26-oxa-20$l^{6}-thia-2,4,6,9,14,17,21-heptazatetracyclo[21.2.1.0^{2,10}.0^{3,8}]hexacosa-3,5,7,9-tetraen-11-yn-16-one 'C27 H33 N13 O9 S'
PO4 non-polymer 'PHOSPHATE ION' 'O4 P -3'
#
# COMPACT_ATOMS: atom_id res chain seq x y z
N MET A 1 -33.65 16.61 -6.08
CA MET A 1 -32.68 17.07 -7.06
C MET A 1 -32.65 16.15 -8.27
N LYS A 2 -31.76 16.45 -9.20
CA LYS A 2 -31.70 15.72 -10.46
C LYS A 2 -31.00 14.38 -10.26
N TYR A 3 -31.55 13.34 -10.88
CA TYR A 3 -30.98 12.01 -10.80
C TYR A 3 -31.16 11.29 -12.13
N MET A 4 -30.59 10.10 -12.20
CA MET A 4 -30.84 9.18 -13.29
C MET A 4 -30.64 7.77 -12.74
N ILE A 5 -31.12 6.78 -13.50
CA ILE A 5 -30.94 5.38 -13.14
C ILE A 5 -30.52 4.62 -14.39
N THR A 6 -29.44 3.87 -14.28
CA THR A 6 -28.97 3.02 -15.37
C THR A 6 -29.12 1.57 -14.94
N SER A 7 -29.55 0.73 -15.90
CA SER A 7 -29.92 -0.65 -15.62
C SER A 7 -28.97 -1.61 -16.33
N LYS A 8 -28.81 -2.81 -15.76
CA LYS A 8 -28.02 -3.83 -16.42
C LYS A 8 -28.64 -4.21 -17.76
N GLY A 9 -29.97 -4.26 -17.82
CA GLY A 9 -30.67 -4.50 -19.05
C GLY A 9 -31.65 -5.65 -18.94
N ASP A 10 -31.41 -6.55 -17.99
CA ASP A 10 -32.29 -7.70 -17.83
C ASP A 10 -33.66 -7.24 -17.34
N GLU A 11 -34.63 -8.14 -17.40
CA GLU A 11 -36.00 -7.79 -17.08
C GLU A 11 -36.11 -7.24 -15.66
N LYS A 12 -35.49 -7.94 -14.70
CA LYS A 12 -35.59 -7.53 -13.30
C LYS A 12 -34.98 -6.15 -13.09
N SER A 13 -33.75 -5.94 -13.55
CA SER A 13 -33.13 -4.63 -13.38
C SER A 13 -33.95 -3.53 -14.01
N ASP A 14 -34.55 -3.80 -15.18
CA ASP A 14 -35.33 -2.76 -15.87
C ASP A 14 -36.57 -2.39 -15.08
N LEU A 15 -37.29 -3.39 -14.57
CA LEU A 15 -38.51 -3.08 -13.81
C LEU A 15 -38.17 -2.34 -12.53
N LEU A 16 -37.11 -2.77 -11.84
CA LEU A 16 -36.73 -2.09 -10.60
C LEU A 16 -36.48 -0.62 -10.86
N ARG A 17 -35.78 -0.30 -11.95
CA ARG A 17 -35.56 1.09 -12.29
C ARG A 17 -36.89 1.81 -12.52
N LEU A 18 -37.81 1.17 -13.23
CA LEU A 18 -39.11 1.80 -13.46
C LEU A 18 -39.82 2.04 -12.14
N ASN A 19 -39.76 1.08 -11.21
CA ASN A 19 -40.43 1.23 -9.93
C ASN A 19 -39.82 2.38 -9.14
N MET A 20 -38.50 2.53 -9.17
CA MET A 20 -37.88 3.59 -8.40
C MET A 20 -38.21 4.96 -9.00
N ILE A 21 -38.16 5.07 -10.32
CA ILE A 21 -38.56 6.33 -10.94
C ILE A 21 -39.96 6.72 -10.50
N ALA A 22 -40.86 5.73 -10.39
CA ALA A 22 -42.22 6.03 -9.92
C ALA A 22 -42.24 6.47 -8.47
N GLY A 23 -41.31 5.97 -7.66
CA GLY A 23 -41.25 6.41 -6.27
C GLY A 23 -40.68 7.81 -6.15
N PHE A 24 -39.56 8.07 -6.81
CA PHE A 24 -39.00 9.42 -6.83
C PHE A 24 -40.02 10.42 -7.33
N GLY A 25 -40.98 9.98 -8.15
CA GLY A 25 -41.99 10.87 -8.69
C GLY A 25 -42.87 11.49 -7.64
N GLU A 26 -42.83 11.01 -6.40
CA GLU A 26 -43.61 11.59 -5.33
C GLU A 26 -42.86 12.68 -4.57
N TYR A 27 -41.58 12.89 -4.87
CA TYR A 27 -40.77 13.91 -4.23
C TYR A 27 -40.24 14.90 -5.27
N ASP A 28 -39.63 15.98 -4.77
CA ASP A 28 -39.00 16.97 -5.65
C ASP A 28 -37.71 16.38 -6.21
N MET A 29 -37.83 15.27 -6.96
CA MET A 29 -36.71 14.57 -7.57
C MET A 29 -36.91 14.57 -9.07
N GLU A 30 -36.04 15.27 -9.80
CA GLU A 30 -36.16 15.44 -11.24
C GLU A 30 -35.27 14.44 -11.96
N TYR A 31 -35.87 13.66 -12.86
CA TYR A 31 -35.09 12.73 -13.67
C TYR A 31 -34.36 13.53 -14.76
N ASP A 32 -33.04 13.46 -14.75
CA ASP A 32 -32.24 14.16 -15.76
C ASP A 32 -30.95 13.38 -15.97
N ASP A 33 -30.85 12.70 -17.11
CA ASP A 33 -29.65 11.92 -17.40
C ASP A 33 -28.59 12.70 -18.16
N VAL A 34 -28.82 13.99 -18.39
CA VAL A 34 -27.77 14.85 -18.93
C VAL A 34 -26.94 15.46 -17.81
N GLU A 35 -27.59 15.96 -16.75
CA GLU A 35 -26.91 16.65 -15.66
C GLU A 35 -27.39 16.12 -14.31
N PRO A 36 -27.23 14.84 -14.06
CA PRO A 36 -27.69 14.29 -12.78
C PRO A 36 -26.69 14.58 -11.66
N GLU A 37 -27.23 14.89 -10.48
CA GLU A 37 -26.40 14.95 -9.27
C GLU A 37 -26.35 13.61 -8.55
N ILE A 38 -27.30 12.72 -8.80
CA ILE A 38 -27.30 11.37 -8.26
C ILE A 38 -27.46 10.41 -9.43
N VAL A 39 -26.55 9.45 -9.51
CA VAL A 39 -26.63 8.39 -10.50
C VAL A 39 -26.80 7.09 -9.73
N ILE A 40 -27.85 6.34 -10.06
CA ILE A 40 -28.12 5.06 -9.44
C ILE A 40 -27.83 3.98 -10.47
N SER A 41 -27.10 2.95 -10.05
CA SER A 41 -26.73 1.84 -10.90
C SER A 41 -27.43 0.59 -10.38
N ILE A 42 -28.14 -0.11 -11.25
CA ILE A 42 -28.82 -1.35 -10.91
C ILE A 42 -28.22 -2.48 -11.75
N GLY A 43 -27.40 -3.32 -11.11
CA GLY A 43 -26.78 -4.44 -11.78
C GLY A 43 -25.58 -4.95 -11.03
N GLY A 44 -24.53 -5.34 -11.75
CA GLY A 44 -23.29 -5.76 -11.13
C GLY A 44 -22.22 -4.67 -11.21
N ASP A 45 -21.03 -5.03 -10.73
CA ASP A 45 -19.92 -4.10 -10.84
C ASP A 45 -19.70 -3.70 -12.28
N GLY A 46 -19.93 -4.62 -13.21
CA GLY A 46 -19.82 -4.28 -14.62
C GLY A 46 -20.76 -3.17 -15.00
N THR A 47 -21.99 -3.21 -14.49
CA THR A 47 -22.91 -2.10 -14.68
C THR A 47 -22.37 -0.84 -14.03
N PHE A 48 -21.86 -0.95 -12.79
CA PHE A 48 -21.40 0.23 -12.07
C PHE A 48 -20.22 0.88 -12.79
N LEU A 49 -19.24 0.07 -13.22
CA LEU A 49 -18.13 0.60 -13.99
C LEU A 49 -18.61 1.32 -15.25
N SER A 50 -19.64 0.77 -15.90
CA SER A 50 -20.18 1.42 -17.08
C SER A 50 -20.76 2.77 -16.74
N ALA A 51 -21.54 2.84 -15.66
CA ALA A 51 -22.13 4.11 -15.26
C ALA A 51 -21.05 5.14 -14.96
N PHE A 52 -20.01 4.72 -14.25
CA PHE A 52 -18.91 5.63 -13.94
C PHE A 52 -18.31 6.21 -15.21
N HIS A 53 -18.01 5.38 -16.19
CA HIS A 53 -17.38 5.91 -17.39
C HIS A 53 -18.35 6.67 -18.27
N GLN A 54 -19.67 6.49 -18.08
CA GLN A 54 -20.64 7.28 -18.81
C GLN A 54 -20.69 8.73 -18.33
N TYR A 55 -20.22 8.99 -17.10
CA TYR A 55 -20.22 10.34 -16.54
C TYR A 55 -18.85 10.76 -16.03
N GLU A 56 -17.77 10.31 -16.66
CA GLU A 56 -16.47 10.69 -16.13
C GLU A 56 -16.15 12.17 -16.30
N GLU A 57 -16.88 12.88 -17.17
CA GLU A 57 -16.67 14.31 -17.36
C GLU A 57 -17.39 15.17 -16.32
N ARG A 58 -18.11 14.56 -15.38
CA ARG A 58 -18.79 15.34 -14.34
C ARG A 58 -18.78 14.57 -13.02
N LEU A 59 -17.66 13.89 -12.74
CA LEU A 59 -17.52 13.19 -11.47
C LEU A 59 -17.55 14.16 -10.30
N ASP A 60 -17.12 15.40 -10.53
CA ASP A 60 -17.13 16.41 -9.49
C ASP A 60 -18.54 16.85 -9.12
N GLU A 61 -19.56 16.41 -9.85
CA GLU A 61 -20.91 16.86 -9.62
C GLU A 61 -21.87 15.74 -9.33
N ILE A 62 -21.40 14.50 -9.23
CA ILE A 62 -22.28 13.34 -9.17
C ILE A 62 -21.93 12.53 -7.94
N ALA A 63 -22.95 11.95 -7.33
CA ALA A 63 -22.80 10.97 -6.26
C ALA A 63 -23.40 9.64 -6.73
N PHE A 64 -22.57 8.59 -6.74
CA PHE A 64 -22.98 7.28 -7.24
C PHE A 64 -23.52 6.39 -6.13
N ILE A 65 -24.57 5.67 -6.49
CA ILE A 65 -25.20 4.66 -5.64
C ILE A 65 -25.30 3.37 -6.46
N GLY A 66 -24.99 2.26 -5.81
CA GLY A 66 -25.00 0.99 -6.48
C GLY A 66 -26.00 0.05 -5.83
N ILE A 67 -26.82 -0.57 -6.67
CA ILE A 67 -27.84 -1.54 -6.28
C ILE A 67 -27.52 -2.84 -6.98
N HIS A 68 -27.25 -3.90 -6.20
CA HIS A 68 -26.77 -5.19 -6.71
C HIS A 68 -27.94 -6.11 -7.02
N THR A 69 -27.99 -6.60 -8.27
CA THR A 69 -29.00 -7.54 -8.69
C THR A 69 -28.39 -8.81 -9.27
N LEU A 72 -21.67 -10.91 -7.76
CA LEU A 72 -20.78 -10.17 -6.88
C LEU A 72 -20.89 -8.68 -7.13
N GLY A 73 -21.32 -7.93 -6.11
CA GLY A 73 -21.48 -6.49 -6.23
C GLY A 73 -20.57 -5.73 -5.29
N PHE A 74 -19.28 -5.65 -5.63
CA PHE A 74 -18.32 -5.01 -4.73
C PHE A 74 -18.66 -3.53 -4.54
N TYR A 75 -19.11 -2.86 -5.60
CA TYR A 75 -19.44 -1.44 -5.54
C TYR A 75 -20.89 -1.18 -5.12
N ALA A 76 -21.74 -2.19 -5.13
CA ALA A 76 -23.12 -2.00 -4.72
C ALA A 76 -23.24 -2.02 -3.20
N ASP A 77 -23.98 -1.06 -2.66
CA ASP A 77 -24.29 -0.97 -1.24
C ASP A 77 -25.72 -1.39 -0.93
N TRP A 78 -26.54 -1.68 -1.94
CA TRP A 78 -27.97 -1.85 -1.76
C TRP A 78 -28.44 -3.16 -2.40
N ARG A 79 -29.26 -3.91 -1.67
CA ARG A 79 -29.93 -5.06 -2.26
C ARG A 79 -31.22 -4.61 -2.95
N PRO A 80 -31.72 -5.39 -3.91
CA PRO A 80 -32.91 -4.95 -4.65
C PRO A 80 -34.16 -4.83 -3.80
N ALA A 81 -34.34 -5.68 -2.79
CA ALA A 81 -35.53 -5.61 -1.94
C ALA A 81 -35.64 -4.29 -1.20
N GLU A 82 -34.53 -3.61 -0.91
CA GLU A 82 -34.52 -2.35 -0.18
C GLU A 82 -34.52 -1.14 -1.10
N ALA A 83 -34.93 -1.30 -2.35
CA ALA A 83 -34.94 -0.16 -3.26
C ALA A 83 -35.90 0.91 -2.78
N ASP A 84 -37.12 0.52 -2.39
CA ASP A 84 -38.09 1.51 -1.91
C ASP A 84 -37.55 2.31 -0.74
N LYS A 85 -36.87 1.63 0.20
CA LYS A 85 -36.23 2.34 1.30
C LYS A 85 -35.20 3.33 0.78
N LEU A 86 -34.47 2.95 -0.28
CA LEU A 86 -33.46 3.84 -0.85
C LEU A 86 -34.12 5.09 -1.42
N VAL A 87 -35.31 4.95 -2.00
CA VAL A 87 -36.01 6.09 -2.55
C VAL A 87 -36.29 7.11 -1.45
N LYS A 88 -36.85 6.66 -0.33
CA LYS A 88 -37.19 7.59 0.74
C LYS A 88 -35.93 8.20 1.34
N LEU A 89 -34.96 7.37 1.75
CA LEU A 89 -33.76 7.88 2.39
C LEU A 89 -33.03 8.87 1.50
N LEU A 90 -33.02 8.63 0.19
CA LEU A 90 -32.40 9.58 -0.72
C LEU A 90 -33.24 10.85 -0.87
N ALA A 91 -34.56 10.70 -0.91
CA ALA A 91 -35.41 11.89 -0.96
C ALA A 91 -35.18 12.78 0.25
N LYS A 92 -34.98 12.16 1.42
CA LYS A 92 -34.78 12.88 2.67
C LYS A 92 -33.37 13.42 2.82
N GLY A 93 -32.46 13.15 1.87
CA GLY A 93 -31.08 13.59 2.00
C GLY A 93 -30.38 12.98 3.20
N GLU A 94 -30.68 11.74 3.51
CA GLU A 94 -30.12 11.09 4.69
C GLU A 94 -28.90 10.27 4.28
N TYR A 95 -27.86 10.99 3.83
CA TYR A 95 -26.64 10.32 3.40
C TYR A 95 -25.46 11.27 3.54
N GLN A 96 -24.30 10.67 3.70
CA GLN A 96 -23.03 11.36 3.68
C GLN A 96 -22.28 11.01 2.40
N LYS A 97 -21.26 11.78 2.08
CA LYS A 97 -20.50 11.57 0.85
C LYS A 97 -19.12 11.04 1.17
N VAL A 98 -18.81 9.87 0.62
CA VAL A 98 -17.50 9.24 0.75
C VAL A 98 -16.82 9.31 -0.62
N SER A 99 -15.51 9.52 -0.61
CA SER A 99 -14.73 9.62 -1.84
C SER A 99 -13.75 8.46 -1.93
N TYR A 100 -13.58 7.92 -3.14
CA TYR A 100 -12.56 6.94 -3.47
C TYR A 100 -11.56 7.53 -4.47
N PRO A 101 -10.28 7.21 -4.35
CA PRO A 101 -9.29 7.69 -5.32
C PRO A 101 -9.38 6.95 -6.64
N LEU A 102 -8.87 7.60 -7.69
CA LEU A 102 -8.92 7.11 -9.05
C LEU A 102 -7.53 7.15 -9.70
N LEU A 103 -7.39 6.40 -10.78
CA LEU A 103 -6.15 6.34 -11.55
C LEU A 103 -6.27 7.18 -12.82
N LYS A 104 -5.31 8.07 -13.05
CA LYS A 104 -5.20 8.81 -14.30
C LYS A 104 -4.30 8.05 -15.26
N THR A 105 -4.82 7.78 -16.46
CA THR A 105 -4.06 7.06 -17.48
C THR A 105 -3.93 7.96 -18.70
N THR A 106 -2.69 8.25 -19.06
CA THR A 106 -2.39 9.15 -20.16
C THR A 106 -1.63 8.39 -21.23
N VAL A 107 -2.10 8.49 -22.46
CA VAL A 107 -1.44 7.89 -23.61
C VAL A 107 -1.08 9.02 -24.58
N LYS A 108 0.21 9.13 -24.90
CA LYS A 108 0.66 10.08 -25.90
C LYS A 108 1.29 9.34 -27.08
N TYR A 109 1.08 9.88 -28.28
CA TYR A 109 1.44 9.25 -29.53
C TYR A 109 2.62 10.01 -30.18
N GLY A 110 2.67 10.02 -31.50
CA GLY A 110 3.75 10.66 -32.22
C GLY A 110 3.38 11.96 -32.89
N LYS A 114 -2.56 14.23 -30.55
CA LYS A 114 -2.94 14.72 -29.23
C LYS A 114 -2.49 13.76 -28.13
N GLU A 115 -3.24 13.75 -27.04
CA GLU A 115 -2.86 12.99 -25.86
C GLU A 115 -4.15 12.54 -25.18
N ALA A 116 -4.46 11.26 -25.29
CA ALA A 116 -5.68 10.72 -24.72
C ALA A 116 -5.49 10.45 -23.24
N THR A 117 -6.46 10.90 -22.44
CA THR A 117 -6.44 10.71 -20.99
C THR A 117 -7.67 9.94 -20.56
N TYR A 118 -7.49 8.96 -19.66
CA TYR A 118 -8.55 8.07 -19.21
C TYR A 118 -8.52 7.96 -17.69
N LEU A 119 -9.68 8.12 -17.06
CA LEU A 119 -9.79 7.85 -15.64
C LEU A 119 -10.23 6.41 -15.43
N ALA A 120 -9.75 5.80 -14.35
CA ALA A 120 -10.06 4.40 -14.07
C ALA A 120 -10.54 4.26 -12.63
N LEU A 121 -11.51 3.38 -12.42
CA LEU A 121 -11.99 3.05 -11.08
C LEU A 121 -11.42 1.73 -10.57
N ASN A 122 -11.28 0.76 -11.47
CA ASN A 122 -10.64 -0.53 -11.13
C ASN A 122 -9.15 -0.49 -11.46
N GLU A 123 -8.80 -0.50 -12.73
CA GLU A 123 -7.40 -0.56 -13.10
C GLU A 123 -7.23 -0.21 -14.57
N SER A 124 -5.97 -0.14 -14.99
CA SER A 124 -5.58 -0.07 -16.38
C SER A 124 -4.44 -1.05 -16.58
N THR A 125 -4.58 -1.92 -17.58
CA THR A 125 -3.58 -2.91 -17.93
C THR A 125 -3.05 -2.61 -19.32
N VAL A 126 -1.80 -3.02 -19.56
CA VAL A 126 -1.15 -2.87 -20.85
C VAL A 126 -0.62 -4.23 -21.29
N LYS A 127 -1.11 -4.73 -22.40
CA LYS A 127 -0.60 -5.97 -23.00
C LYS A 127 -0.12 -5.67 -24.42
N SER A 128 0.29 -6.71 -25.12
CA SER A 128 0.85 -6.55 -26.46
C SER A 128 -0.20 -6.85 -27.51
N SER A 129 -0.07 -6.17 -28.66
CA SER A 129 -0.95 -6.42 -29.80
C SER A 129 -1.04 -7.91 -30.13
N GLY A 130 0.11 -8.59 -30.15
CA GLY A 130 0.13 -10.02 -30.37
C GLY A 130 1.52 -10.62 -30.18
N GLY A 131 2.55 -9.80 -30.37
CA GLY A 131 3.91 -10.27 -30.29
C GLY A 131 4.50 -10.12 -28.90
N PRO A 132 5.83 -9.97 -28.84
CA PRO A 132 6.48 -9.88 -27.53
C PRO A 132 6.25 -8.51 -26.90
N PHE A 133 5.94 -8.53 -25.61
CA PHE A 133 5.67 -7.32 -24.84
C PHE A 133 6.93 -6.90 -24.11
N VAL A 134 7.54 -5.80 -24.54
CA VAL A 134 8.72 -5.23 -23.92
C VAL A 134 8.52 -3.74 -23.79
N VAL A 135 8.63 -3.23 -22.56
CA VAL A 135 8.41 -1.82 -22.27
C VAL A 135 9.33 -1.42 -21.13
N ASP A 136 9.94 -0.23 -21.22
CA ASP A 136 10.73 0.28 -20.12
C ASP A 136 9.84 0.97 -19.11
N VAL A 137 10.09 0.72 -17.83
CA VAL A 137 9.29 1.28 -16.75
C VAL A 137 10.08 2.40 -16.10
N VAL A 138 9.62 3.63 -16.28
CA VAL A 138 10.26 4.79 -15.68
C VAL A 138 9.38 5.27 -14.54
N ILE A 139 10.00 5.45 -13.36
CA ILE A 139 9.30 5.99 -12.20
C ILE A 139 9.90 7.36 -11.92
N ASN A 140 9.09 8.40 -12.09
CA ASN A 140 9.62 9.75 -11.97
C ASN A 140 10.81 9.93 -12.91
N ASP A 141 11.99 10.11 -12.36
CA ASP A 141 13.18 10.36 -13.16
C ASP A 141 14.15 9.18 -13.12
N ILE A 142 13.62 8.00 -12.87
CA ILE A 142 14.40 6.79 -12.64
C ILE A 142 13.98 5.75 -13.65
N HIS A 143 14.94 5.18 -14.37
CA HIS A 143 14.67 4.04 -15.23
C HIS A 143 14.76 2.81 -14.36
N PHE A 144 13.60 2.29 -13.95
CA PHE A 144 13.55 1.31 -12.87
C PHE A 144 13.85 -0.09 -13.38
N GLU A 145 13.31 -0.44 -14.54
CA GLU A 145 13.44 -1.78 -15.09
C GLU A 145 12.88 -1.78 -16.49
N ARG A 146 13.33 -2.76 -17.28
CA ARG A 146 12.75 -3.07 -18.57
C ARG A 146 11.92 -4.34 -18.44
N PHE A 147 10.60 -4.19 -18.44
CA PHE A 147 9.70 -5.31 -18.22
C PHE A 147 9.55 -6.16 -19.48
N ARG A 148 9.59 -7.48 -19.28
CA ARG A 148 9.37 -8.45 -20.34
C ARG A 148 8.36 -9.47 -19.82
N GLY A 149 7.12 -9.39 -20.29
CA GLY A 149 6.16 -10.39 -19.88
C GLY A 149 4.88 -10.34 -20.67
N ASP A 150 3.77 -10.75 -20.04
CA ASP A 150 2.48 -10.66 -20.72
C ASP A 150 1.93 -9.24 -20.71
N GLY A 151 2.12 -8.51 -19.61
CA GLY A 151 1.64 -7.15 -19.50
C GLY A 151 1.79 -6.62 -18.10
N LEU A 152 1.18 -5.44 -17.86
CA LEU A 152 1.22 -4.75 -16.56
C LEU A 152 -0.16 -4.25 -16.16
N CYS A 153 -0.41 -4.22 -14.85
CA CYS A 153 -1.69 -3.81 -14.28
C CYS A 153 -1.44 -2.72 -13.24
N MET A 154 -2.14 -1.61 -13.41
CA MET A 154 -2.07 -0.47 -12.49
C MET A 154 -3.47 -0.18 -11.97
N SER A 155 -3.70 -0.48 -10.68
CA SER A 155 -5.04 -0.45 -10.12
C SER A 155 -5.18 0.61 -9.05
N THR A 156 -6.41 1.03 -8.84
CA THR A 156 -6.76 1.90 -7.75
C THR A 156 -6.83 1.11 -6.46
N PRO A 157 -6.85 1.79 -5.31
CA PRO A 157 -7.13 1.07 -4.06
C PRO A 157 -8.34 0.16 -4.18
N SER A 158 -9.49 0.68 -4.63
CA SER A 158 -10.68 -0.15 -4.72
C SER A 158 -10.58 -1.19 -5.82
N GLY A 159 -9.72 -0.97 -6.81
CA GLY A 159 -9.48 -2.04 -7.75
C GLY A 159 -8.52 -3.12 -7.28
N THR A 160 -7.85 -2.95 -6.13
CA THR A 160 -6.89 -4.00 -5.73
C THR A 160 -7.59 -5.32 -5.44
N THR A 161 -8.87 -5.30 -5.06
CA THR A 161 -9.62 -6.53 -4.84
C THR A 161 -10.08 -7.19 -6.13
N ALA A 162 -9.91 -6.50 -7.26
CA ALA A 162 -10.31 -7.07 -8.54
C ALA A 162 -9.15 -7.77 -9.23
N TYR A 163 -8.81 -7.30 -10.44
CA TYR A 163 -7.80 -7.97 -11.25
C TYR A 163 -6.45 -8.00 -10.55
N ASN A 164 -6.09 -6.91 -9.87
CA ASN A 164 -4.84 -6.85 -9.11
C ASN A 164 -4.70 -8.01 -8.14
N LYS A 165 -5.81 -8.40 -7.50
CA LYS A 165 -5.77 -9.54 -6.58
C LYS A 165 -5.44 -10.83 -7.31
N SER A 166 -6.08 -11.07 -8.45
CA SER A 166 -5.77 -12.26 -9.22
C SER A 166 -4.30 -12.28 -9.64
N LEU A 167 -3.67 -11.11 -9.77
CA LEU A 167 -2.27 -11.11 -10.15
C LEU A 167 -1.32 -11.33 -8.99
N GLY A 168 -1.80 -11.32 -7.75
CA GLY A 168 -0.93 -11.46 -6.61
C GLY A 168 -0.69 -10.16 -5.86
N GLY A 169 -1.25 -9.06 -6.33
CA GLY A 169 -1.08 -7.80 -5.68
C GLY A 169 -1.71 -7.81 -4.31
N ALA A 170 -1.62 -6.66 -3.68
CA ALA A 170 -2.12 -6.47 -2.34
C ALA A 170 -3.44 -5.71 -2.39
N LEU A 171 -4.21 -5.84 -1.33
CA LEU A 171 -5.44 -5.09 -1.15
C LEU A 171 -5.13 -3.86 -0.31
N MET A 172 -5.43 -2.69 -0.84
CA MET A 172 -5.21 -1.43 -0.14
C MET A 172 -6.53 -0.80 0.25
N HIS A 173 -6.63 -0.38 1.49
CA HIS A 173 -7.83 0.33 1.93
C HIS A 173 -8.02 1.59 1.08
N PRO A 174 -9.25 1.92 0.69
CA PRO A 174 -9.48 3.07 -0.20
C PRO A 174 -9.13 4.44 0.42
N SER A 175 -8.85 4.52 1.72
CA SER A 175 -8.41 5.80 2.25
C SER A 175 -6.99 6.17 1.82
N ILE A 176 -6.24 5.24 1.24
CA ILE A 176 -4.87 5.51 0.80
C ILE A 176 -4.91 5.99 -0.65
N GLU A 177 -4.43 7.21 -0.89
CA GLU A 177 -4.38 7.75 -2.25
C GLU A 177 -3.11 7.22 -2.91
N ALA A 178 -3.23 6.05 -3.54
CA ALA A 178 -2.08 5.38 -4.13
C ALA A 178 -2.56 4.52 -5.29
N MET A 179 -1.59 4.02 -6.05
CA MET A 179 -1.86 3.06 -7.10
C MET A 179 -0.83 1.95 -6.99
N GLN A 180 -1.24 0.74 -7.35
CA GLN A 180 -0.40 -0.44 -7.27
C GLN A 180 -0.16 -0.96 -8.69
N LEU A 181 1.10 -1.30 -8.98
CA LEU A 181 1.51 -1.90 -10.25
C LEU A 181 1.84 -3.37 -10.02
N THR A 182 1.36 -4.22 -10.92
CA THR A 182 1.58 -5.65 -10.80
C THR A 182 1.97 -6.20 -12.15
N GLU A 183 2.88 -7.17 -12.16
CA GLU A 183 3.36 -7.78 -13.37
C GLU A 183 2.42 -8.90 -13.81
N MET A 184 2.45 -9.19 -15.11
CA MET A 184 1.73 -10.32 -15.69
C MET A 184 2.75 -11.28 -16.27
N ALA A 185 2.94 -12.43 -15.61
CA ALA A 185 3.87 -13.45 -16.08
C ALA A 185 5.14 -12.82 -16.63
N SER A 186 5.94 -12.24 -15.75
CA SER A 186 7.21 -11.66 -16.17
C SER A 186 8.23 -12.76 -16.45
N ILE A 187 9.25 -12.39 -17.20
CA ILE A 187 10.36 -13.26 -17.54
C ILE A 187 11.53 -12.93 -16.61
N ASN A 188 12.11 -13.96 -16.01
CA ASN A 188 13.30 -13.81 -15.18
C ASN A 188 14.24 -14.96 -15.53
N ASN A 189 15.24 -14.68 -16.37
CA ASN A 189 16.29 -15.65 -16.63
C ASN A 189 17.62 -15.03 -16.22
N ARG A 190 18.73 -15.52 -16.78
CA ARG A 190 20.03 -14.96 -16.41
C ARG A 190 20.18 -13.51 -16.87
N VAL A 191 19.46 -13.09 -17.90
CA VAL A 191 19.57 -11.73 -18.42
C VAL A 191 18.40 -10.89 -17.96
N TYR A 192 17.24 -11.12 -18.56
CA TYR A 192 16.04 -10.36 -18.23
C TYR A 192 15.72 -10.44 -16.74
N ARG A 193 15.43 -9.29 -16.12
CA ARG A 193 15.26 -9.19 -14.68
C ARG A 193 14.23 -8.11 -14.36
N THR A 194 13.10 -8.51 -13.78
CA THR A 194 12.11 -7.56 -13.27
C THR A 194 12.08 -7.66 -11.75
N ILE A 195 11.42 -6.67 -11.13
CA ILE A 195 11.35 -6.63 -9.68
C ILE A 195 10.56 -7.80 -9.12
N GLY A 196 9.58 -8.28 -9.87
CA GLY A 196 8.65 -9.29 -9.37
C GLY A 196 7.59 -8.80 -8.40
N SER A 197 8.00 -8.15 -7.32
CA SER A 197 7.08 -7.70 -6.29
C SER A 197 6.12 -6.65 -6.85
N PRO A 198 4.91 -6.58 -6.32
CA PRO A 198 4.04 -5.46 -6.68
C PRO A 198 4.62 -4.16 -6.12
N LEU A 199 4.17 -3.06 -6.71
CA LEU A 199 4.67 -1.74 -6.37
C LEU A 199 3.49 -0.85 -6.00
N VAL A 200 3.63 -0.11 -4.90
CA VAL A 200 2.61 0.82 -4.45
C VAL A 200 3.19 2.22 -4.44
N PHE A 201 2.63 3.09 -5.26
CA PHE A 201 3.13 4.44 -5.45
C PHE A 201 2.20 5.46 -4.81
N PRO A 202 2.75 6.54 -4.27
CA PRO A 202 1.92 7.59 -3.67
C PRO A 202 1.37 8.55 -4.72
N LYS A 203 0.56 9.50 -4.24
CA LYS A 203 -0.16 10.39 -5.14
C LYS A 203 0.76 11.25 -6.00
N HIS A 204 1.98 11.54 -5.54
CA HIS A 204 2.83 12.49 -6.24
C HIS A 204 3.85 11.81 -7.15
N HIS A 205 3.62 10.56 -7.51
CA HIS A 205 4.55 9.81 -8.34
C HIS A 205 3.94 9.52 -9.70
N VAL A 206 4.79 9.42 -10.71
CA VAL A 206 4.37 9.18 -12.09
C VAL A 206 5.06 7.92 -12.60
N VAL A 207 4.26 6.98 -13.09
CA VAL A 207 4.78 5.73 -13.66
C VAL A 207 4.58 5.81 -15.17
N SER A 208 5.70 5.82 -15.90
CA SER A 208 5.70 6.03 -17.34
C SER A 208 6.20 4.76 -18.02
N LEU A 209 5.38 4.20 -18.91
CA LEU A 209 5.75 3.02 -19.67
C LEU A 209 6.10 3.45 -21.09
N GLN A 210 7.32 3.13 -21.51
CA GLN A 210 7.83 3.58 -22.80
C GLN A 210 8.27 2.39 -23.64
N PRO A 211 7.80 2.30 -24.89
CA PRO A 211 8.06 1.10 -25.69
C PRO A 211 9.53 0.93 -26.02
N VAL A 212 9.89 -0.30 -26.32
CA VAL A 212 11.24 -0.64 -26.75
C VAL A 212 11.24 -1.10 -28.20
N ASN A 213 10.26 -1.91 -28.57
CA ASN A 213 10.25 -2.53 -29.88
C ASN A 213 8.91 -2.15 -30.49
N ASP A 214 7.88 -3.00 -30.41
CA ASP A 214 6.55 -2.61 -30.88
C ASP A 214 6.02 -1.34 -30.20
N LYS A 215 5.30 -0.49 -30.97
CA LYS A 215 4.65 0.70 -30.41
C LYS A 215 3.12 0.58 -30.35
N ASP A 216 2.59 -0.61 -30.63
CA ASP A 216 1.16 -0.88 -30.54
C ASP A 216 0.90 -1.71 -29.28
N PHE A 217 -0.07 -1.27 -28.48
CA PHE A 217 -0.39 -1.86 -27.19
C PHE A 217 -1.89 -2.04 -27.02
N GLN A 218 -2.29 -3.19 -26.50
CA GLN A 218 -3.67 -3.41 -26.11
C GLN A 218 -3.87 -2.83 -24.72
N ILE A 219 -4.57 -1.70 -24.65
CA ILE A 219 -4.69 -0.90 -23.43
C ILE A 219 -6.10 -1.05 -22.90
N SER A 220 -6.23 -1.26 -21.59
CA SER A 220 -7.51 -1.47 -20.97
C SER A 220 -7.73 -0.45 -19.86
N VAL A 221 -8.96 -0.01 -19.70
CA VAL A 221 -9.37 0.81 -18.58
C VAL A 221 -10.64 0.17 -18.07
N ASP A 222 -10.59 -0.38 -16.87
CA ASP A 222 -11.72 -1.13 -16.29
C ASP A 222 -12.24 -2.16 -17.28
N HIS A 223 -13.48 -2.01 -17.72
CA HIS A 223 -14.09 -3.00 -18.59
C HIS A 223 -13.87 -2.69 -20.06
N LEU A 224 -13.09 -1.67 -20.41
CA LEU A 224 -12.86 -1.31 -21.79
C LEU A 224 -11.44 -1.66 -22.22
N SER A 225 -11.30 -2.19 -23.43
CA SER A 225 -10.04 -2.67 -23.97
C SER A 225 -10.00 -2.32 -25.45
N ILE A 226 -8.97 -1.57 -25.87
CA ILE A 226 -8.86 -1.08 -27.24
C ILE A 226 -7.41 -1.15 -27.67
N LEU A 227 -7.18 -1.49 -28.93
CA LEU A 227 -5.84 -1.53 -29.52
C LEU A 227 -5.38 -0.11 -29.81
N HIS A 228 -4.36 0.36 -29.11
CA HIS A 228 -3.77 1.66 -29.35
C HIS A 228 -2.50 1.50 -30.17
N ARG A 229 -2.40 2.27 -31.25
CA ARG A 229 -1.29 2.17 -32.17
C ARG A 229 -0.42 3.43 -32.13
N ASP A 230 0.86 3.27 -32.47
CA ASP A 230 1.81 4.38 -32.49
C ASP A 230 1.97 5.00 -31.10
N VAL A 231 1.79 4.18 -30.07
CA VAL A 231 1.92 4.66 -28.69
C VAL A 231 3.38 5.05 -28.42
N GLN A 232 3.58 6.25 -27.90
CA GLN A 232 4.91 6.69 -27.49
C GLN A 232 5.12 6.63 -25.98
N GLU A 233 4.04 6.59 -25.20
CA GLU A 233 4.19 6.51 -23.76
C GLU A 233 2.82 6.28 -23.14
N ILE A 234 2.80 5.52 -22.05
CA ILE A 234 1.67 5.47 -21.13
C ILE A 234 2.16 6.01 -19.80
N ARG A 235 1.37 6.90 -19.21
CA ARG A 235 1.72 7.50 -17.92
C ARG A 235 0.58 7.24 -16.94
N TYR A 236 0.94 6.73 -15.77
CA TYR A 236 0.01 6.45 -14.69
C TYR A 236 0.32 7.31 -13.49
N GLU A 237 -0.73 7.76 -12.80
CA GLU A 237 -0.56 8.65 -11.67
C GLU A 237 -1.90 8.76 -10.97
N VAL A 238 -1.87 8.97 -9.66
CA VAL A 238 -3.12 9.07 -8.93
C VAL A 238 -3.84 10.33 -9.39
N SER A 239 -5.08 10.17 -9.84
CA SER A 239 -5.81 11.30 -10.39
C SER A 239 -6.18 12.29 -9.28
N ALA A 240 -6.08 13.58 -9.60
CA ALA A 240 -6.58 14.60 -8.68
C ALA A 240 -8.07 14.47 -8.45
N LYS A 241 -8.76 13.72 -9.30
CA LYS A 241 -10.19 13.58 -9.20
C LYS A 241 -10.55 12.33 -8.41
N LYS A 242 -11.71 12.38 -7.76
CA LYS A 242 -12.22 11.26 -7.00
C LYS A 242 -13.65 10.96 -7.41
N ILE A 243 -14.08 9.72 -7.12
CA ILE A 243 -15.45 9.27 -7.32
C ILE A 243 -16.17 9.36 -5.99
N HIS A 244 -17.37 9.91 -5.98
CA HIS A 244 -18.12 10.17 -4.77
C HIS A 244 -19.32 9.25 -4.70
N PHE A 245 -19.49 8.57 -3.58
CA PHE A 245 -20.66 7.76 -3.32
C PHE A 245 -21.54 8.44 -2.28
N ALA A 246 -22.84 8.18 -2.37
CA ALA A 246 -23.78 8.59 -1.32
C ALA A 246 -23.91 7.42 -0.36
N ARG A 247 -23.43 7.60 0.86
CA ARG A 247 -23.39 6.53 1.86
C ARG A 247 -24.48 6.77 2.89
N PHE A 248 -25.29 5.74 3.13
CA PHE A 248 -26.42 5.82 4.04
C PHE A 248 -26.22 5.05 5.34
N ARG A 249 -25.50 3.94 5.31
CA ARG A 249 -25.23 3.16 6.51
C ARG A 249 -23.77 2.73 6.49
N SER A 250 -23.26 2.39 7.67
CA SER A 250 -21.86 2.00 7.78
C SER A 250 -21.61 0.66 7.07
N PHE A 251 -20.64 0.65 6.16
CA PHE A 251 -20.25 -0.57 5.45
C PHE A 251 -18.76 -0.51 5.13
N PRO A 252 -17.91 -0.85 6.10
CA PRO A 252 -16.48 -0.60 5.95
C PRO A 252 -15.86 -1.44 4.85
N PHE A 253 -14.72 -0.96 4.34
CA PHE A 253 -14.09 -1.63 3.21
C PHE A 253 -13.68 -3.05 3.56
N TRP A 254 -12.99 -3.23 4.71
CA TRP A 254 -12.54 -4.55 5.12
C TRP A 254 -13.71 -5.51 5.30
N ARG A 255 -14.88 -5.00 5.70
CA ARG A 255 -16.06 -5.85 5.77
C ARG A 255 -16.48 -6.34 4.37
N ARG A 256 -16.49 -5.43 3.37
CA ARG A 256 -16.85 -5.87 2.02
C ARG A 256 -15.87 -6.90 1.50
N VAL A 257 -14.58 -6.73 1.81
CA VAL A 257 -13.56 -7.69 1.41
C VAL A 257 -13.82 -9.04 2.05
N HIS A 258 -14.15 -9.03 3.35
CA HIS A 258 -14.48 -10.28 4.03
C HIS A 258 -15.65 -10.98 3.36
N ASP A 259 -16.73 -10.23 3.10
CA ASP A 259 -17.91 -10.86 2.54
C ASP A 259 -17.68 -11.37 1.13
N SER A 260 -16.74 -10.76 0.41
CA SER A 260 -16.52 -11.17 -0.97
C SER A 260 -15.60 -12.38 -1.10
N PHE A 261 -14.73 -12.62 -0.13
CA PHE A 261 -13.71 -13.66 -0.32
C PHE A 261 -13.69 -14.71 0.77
N ILE A 262 -14.00 -14.34 2.00
CA ILE A 262 -13.82 -15.24 3.13
C ILE A 262 -15.09 -16.05 3.36
N GLU A 263 -16.15 -15.40 3.81
CA GLU A 263 -17.38 -16.10 4.11
C GLU A 263 -18.58 -15.14 4.10
N MET B 1 26.10 19.61 17.30
CA MET B 1 25.21 19.01 18.29
C MET B 1 25.84 17.81 18.99
N LYS B 2 25.07 17.15 19.84
CA LYS B 2 25.52 15.90 20.45
C LYS B 2 25.28 14.73 19.51
N TYR B 3 26.26 13.82 19.44
CA TYR B 3 26.22 12.68 18.54
C TYR B 3 26.78 11.46 19.26
N MET B 4 26.50 10.28 18.70
CA MET B 4 27.19 9.06 19.08
C MET B 4 27.30 8.18 17.84
N ILE B 5 28.16 7.18 17.90
CA ILE B 5 28.39 6.28 16.78
C ILE B 5 28.40 4.85 17.29
N THR B 6 27.60 3.98 16.64
CA THR B 6 27.60 2.56 16.96
C THR B 6 28.38 1.80 15.89
N SER B 7 29.27 0.93 16.32
CA SER B 7 30.08 0.15 15.40
C SER B 7 29.51 -1.26 15.27
N LYS B 8 29.74 -1.87 14.11
CA LYS B 8 29.33 -3.24 13.89
C LYS B 8 30.16 -4.20 14.74
N GLY B 9 31.44 -3.92 14.91
CA GLY B 9 32.29 -4.77 15.70
C GLY B 9 33.59 -5.17 15.03
N ASP B 10 33.60 -5.22 13.70
CA ASP B 10 34.80 -5.61 12.98
C ASP B 10 35.83 -4.49 13.03
N GLU B 11 37.06 -4.83 12.63
CA GLU B 11 38.16 -3.87 12.76
C GLU B 11 37.92 -2.65 11.88
N LYS B 12 37.34 -2.85 10.70
CA LYS B 12 37.09 -1.73 9.80
C LYS B 12 36.14 -0.72 10.43
N SER B 13 34.94 -1.18 10.81
CA SER B 13 33.92 -0.28 11.32
C SER B 13 34.42 0.48 12.56
N ASP B 14 35.13 -0.21 13.45
CA ASP B 14 35.63 0.45 14.66
C ASP B 14 36.56 1.60 14.32
N LEU B 15 37.53 1.36 13.44
CA LEU B 15 38.51 2.40 13.12
C LEU B 15 37.82 3.59 12.43
N LEU B 16 36.89 3.31 11.52
CA LEU B 16 36.12 4.38 10.90
C LEU B 16 35.41 5.21 11.95
N ARG B 17 34.84 4.54 12.96
CA ARG B 17 34.22 5.24 14.09
C ARG B 17 35.23 6.16 14.78
N LEU B 18 36.31 5.60 15.31
CA LEU B 18 37.32 6.44 15.97
C LEU B 18 37.72 7.61 15.08
N ASN B 19 38.02 7.31 13.81
CA ASN B 19 38.45 8.37 12.90
C ASN B 19 37.38 9.44 12.77
N MET B 20 36.11 9.02 12.69
CA MET B 20 35.05 10.02 12.65
C MET B 20 34.97 10.79 13.95
N ILE B 21 35.22 10.12 15.08
CA ILE B 21 35.21 10.81 16.36
C ILE B 21 36.37 11.80 16.43
N ALA B 22 37.50 11.44 15.81
CA ALA B 22 38.64 12.35 15.77
C ALA B 22 38.33 13.58 14.93
N GLY B 23 37.69 13.39 13.78
CA GLY B 23 37.26 14.53 12.99
C GLY B 23 36.20 15.35 13.70
N PHE B 24 35.25 14.69 14.37
CA PHE B 24 34.20 15.41 15.06
C PHE B 24 34.78 16.28 16.17
N GLY B 25 35.80 15.79 16.86
CA GLY B 25 36.47 16.62 17.84
C GLY B 25 37.00 17.90 17.24
N GLU B 26 37.59 17.80 16.06
CA GLU B 26 38.18 18.97 15.41
C GLU B 26 37.17 20.06 15.15
N TYR B 27 35.87 19.75 15.25
CA TYR B 27 34.81 20.72 14.96
C TYR B 27 33.99 21.06 16.21
N ASP B 28 34.55 20.86 17.40
CA ASP B 28 33.90 21.29 18.64
C ASP B 28 32.54 20.63 18.81
N MET B 29 32.46 19.35 18.44
CA MET B 29 31.23 18.57 18.51
C MET B 29 31.37 17.51 19.60
N GLU B 30 30.31 17.32 20.39
CA GLU B 30 30.39 16.53 21.62
C GLU B 30 29.80 15.15 21.42
N TYR B 31 30.58 14.12 21.74
CA TYR B 31 30.06 12.75 21.80
C TYR B 31 29.24 12.59 23.07
N ASP B 32 27.95 12.30 22.93
CA ASP B 32 27.09 12.02 24.06
C ASP B 32 26.43 10.66 23.84
N ASP B 33 26.87 9.67 24.61
CA ASP B 33 26.33 8.33 24.46
C ASP B 33 24.92 8.21 25.04
N VAL B 34 24.55 9.07 25.99
CA VAL B 34 23.27 8.94 26.68
C VAL B 34 22.16 9.63 25.90
N GLU B 35 22.29 10.94 25.69
CA GLU B 35 21.26 11.74 25.02
C GLU B 35 21.87 12.46 23.82
N PRO B 36 22.15 11.73 22.75
CA PRO B 36 22.65 12.36 21.53
C PRO B 36 21.49 12.95 20.72
N GLU B 37 21.85 13.62 19.63
CA GLU B 37 20.89 14.14 18.69
C GLU B 37 21.08 13.60 17.28
N ILE B 38 22.32 13.28 16.93
CA ILE B 38 22.65 12.55 15.72
C ILE B 38 23.18 11.19 16.15
N VAL B 39 22.57 10.12 15.62
CA VAL B 39 23.09 8.77 15.79
C VAL B 39 23.60 8.28 14.44
N ILE B 40 24.87 7.89 14.41
CA ILE B 40 25.53 7.37 13.22
C ILE B 40 25.75 5.87 13.41
N SER B 41 25.39 5.10 12.41
CA SER B 41 25.54 3.66 12.41
C SER B 41 26.55 3.28 11.33
N ILE B 42 27.58 2.53 11.72
CA ILE B 42 28.60 2.03 10.81
C ILE B 42 28.49 0.52 10.82
N GLY B 43 28.04 -0.03 9.74
CA GLY B 43 27.89 -1.45 9.56
C GLY B 43 26.84 -1.74 8.50
N GLY B 44 25.99 -2.73 8.75
CA GLY B 44 24.94 -3.10 7.83
C GLY B 44 23.56 -2.72 8.35
N ASP B 45 22.56 -3.23 7.64
CA ASP B 45 21.19 -2.98 8.08
C ASP B 45 20.89 -3.64 9.42
N GLY B 46 21.57 -4.74 9.72
CA GLY B 46 21.45 -5.30 11.04
C GLY B 46 22.00 -4.35 12.08
N THR B 47 23.10 -3.68 11.75
CA THR B 47 23.69 -2.72 12.67
C THR B 47 22.80 -1.48 12.81
N PHE B 48 22.20 -1.05 11.69
CA PHE B 48 21.33 0.12 11.76
C PHE B 48 20.14 -0.15 12.68
N LEU B 49 19.51 -1.32 12.53
CA LEU B 49 18.42 -1.68 13.43
C LEU B 49 18.88 -1.70 14.88
N SER B 50 20.07 -2.25 15.14
CA SER B 50 20.58 -2.26 16.50
C SER B 50 20.62 -0.85 17.07
N ALA B 51 21.01 0.13 16.26
CA ALA B 51 21.09 1.51 16.74
C ALA B 51 19.69 2.11 16.91
N PHE B 52 18.81 1.89 15.93
CA PHE B 52 17.43 2.34 16.07
C PHE B 52 16.85 1.87 17.41
N HIS B 53 16.98 0.58 17.71
CA HIS B 53 16.39 0.03 18.92
C HIS B 53 17.17 0.42 20.17
N GLN B 54 18.45 0.79 20.01
CA GLN B 54 19.21 1.35 21.13
C GLN B 54 18.65 2.67 21.60
N TYR B 55 17.93 3.40 20.74
CA TYR B 55 17.48 4.75 21.07
C TYR B 55 16.00 4.93 20.76
N GLU B 56 15.22 3.87 20.90
CA GLU B 56 13.80 3.94 20.56
C GLU B 56 13.01 4.84 21.51
N GLU B 57 13.61 5.28 22.61
CA GLU B 57 12.90 6.14 23.54
C GLU B 57 13.12 7.62 23.27
N ARG B 58 14.03 7.97 22.36
CA ARG B 58 14.31 9.36 22.03
C ARG B 58 14.23 9.58 20.53
N LEU B 59 13.35 8.84 19.86
CA LEU B 59 13.23 8.96 18.42
C LEU B 59 12.78 10.36 17.99
N ASP B 60 12.14 11.13 18.88
CA ASP B 60 11.75 12.48 18.52
C ASP B 60 12.89 13.47 18.62
N GLU B 61 14.00 13.08 19.24
CA GLU B 61 15.14 13.97 19.44
C GLU B 61 16.39 13.48 18.73
N ILE B 62 16.25 12.55 17.77
CA ILE B 62 17.41 11.91 17.15
C ILE B 62 17.20 11.88 15.64
N ALA B 63 18.30 12.08 14.91
CA ALA B 63 18.29 12.00 13.45
C ALA B 63 19.37 11.01 13.04
N PHE B 64 18.96 9.84 12.57
CA PHE B 64 19.88 8.75 12.28
C PHE B 64 20.60 8.94 10.94
N ILE B 65 21.82 8.40 10.87
CA ILE B 65 22.60 8.34 9.65
C ILE B 65 23.33 7.00 9.59
N GLY B 66 23.38 6.40 8.41
CA GLY B 66 24.01 5.10 8.23
C GLY B 66 25.20 5.15 7.29
N ILE B 67 26.25 4.40 7.64
CA ILE B 67 27.41 4.22 6.78
C ILE B 67 27.61 2.72 6.55
N HIS B 68 27.48 2.29 5.29
CA HIS B 68 27.45 0.87 4.96
C HIS B 68 28.86 0.30 4.90
N THR B 69 29.17 -0.62 5.80
CA THR B 69 30.43 -1.36 5.78
C THR B 69 30.27 -2.75 5.17
N GLY B 70 29.07 -3.32 5.23
CA GLY B 70 28.82 -4.62 4.65
C GLY B 70 27.42 -5.14 4.95
N GLY B 73 23.44 -2.40 2.65
CA GLY B 73 22.86 -1.40 3.52
C GLY B 73 21.68 -0.64 2.93
N PHE B 74 20.47 -1.15 3.17
CA PHE B 74 19.27 -0.46 2.68
C PHE B 74 19.12 0.90 3.36
N TYR B 75 19.43 0.98 4.65
CA TYR B 75 19.28 2.19 5.43
C TYR B 75 20.54 3.04 5.44
N ALA B 76 21.56 2.68 4.67
CA ALA B 76 22.79 3.45 4.57
C ALA B 76 22.70 4.43 3.39
N ASP B 77 23.33 5.59 3.57
CA ASP B 77 23.41 6.59 2.52
C ASP B 77 24.83 7.02 2.23
N TRP B 78 25.81 6.40 2.87
CA TRP B 78 27.18 6.86 2.81
C TRP B 78 28.12 5.67 2.68
N ARG B 79 29.09 5.80 1.75
CA ARG B 79 30.16 4.82 1.67
C ARG B 79 31.32 5.25 2.58
N PRO B 80 32.07 4.29 3.11
CA PRO B 80 33.11 4.65 4.10
C PRO B 80 34.05 5.74 3.62
N ALA B 81 34.46 5.71 2.35
CA ALA B 81 35.37 6.72 1.82
C ALA B 81 34.82 8.13 1.90
N GLU B 82 33.52 8.27 2.20
CA GLU B 82 32.86 9.56 2.33
C GLU B 82 32.77 10.02 3.78
N ALA B 83 33.47 9.37 4.70
CA ALA B 83 33.26 9.63 6.12
C ALA B 83 33.72 11.04 6.49
N ASP B 84 34.91 11.42 6.02
CA ASP B 84 35.41 12.77 6.29
C ASP B 84 34.44 13.82 5.76
N LYS B 85 33.88 13.58 4.58
CA LYS B 85 32.94 14.55 4.04
C LYS B 85 31.71 14.63 4.91
N LEU B 86 31.26 13.49 5.44
CA LEU B 86 30.07 13.48 6.27
C LEU B 86 30.28 14.23 7.58
N VAL B 87 31.50 14.18 8.14
CA VAL B 87 31.78 14.91 9.38
C VAL B 87 31.64 16.41 9.13
N LYS B 88 32.22 16.87 8.02
CA LYS B 88 32.15 18.27 7.64
C LYS B 88 30.71 18.72 7.42
N LEU B 89 30.02 18.12 6.46
CA LEU B 89 28.64 18.52 6.19
C LEU B 89 27.80 18.47 7.46
N LEU B 90 28.06 17.47 8.31
CA LEU B 90 27.34 17.37 9.57
C LEU B 90 27.69 18.55 10.49
N ALA B 91 28.98 18.86 10.62
CA ALA B 91 29.37 20.00 11.43
C ALA B 91 28.79 21.29 10.91
N LYS B 92 28.58 21.40 9.59
CA LYS B 92 28.03 22.61 9.01
C LYS B 92 26.50 22.67 9.09
N GLY B 93 25.85 21.60 9.54
CA GLY B 93 24.40 21.60 9.56
C GLY B 93 23.77 21.65 8.19
N GLU B 94 24.49 21.20 7.17
CA GLU B 94 23.97 21.18 5.80
C GLU B 94 23.11 19.96 5.52
N TYR B 95 22.07 19.69 6.33
CA TYR B 95 21.22 18.53 6.10
C TYR B 95 19.76 18.86 6.29
N GLN B 96 18.90 17.99 5.77
CA GLN B 96 17.46 18.12 5.86
C GLN B 96 16.90 16.86 6.51
N LYS B 97 16.03 17.03 7.50
CA LYS B 97 15.46 15.90 8.20
C LYS B 97 14.31 15.29 7.40
N VAL B 98 14.27 13.97 7.35
CA VAL B 98 13.25 13.21 6.64
C VAL B 98 12.78 12.09 7.55
N SER B 99 11.49 11.81 7.53
CA SER B 99 10.86 10.92 8.47
C SER B 99 10.15 9.78 7.75
N TYR B 100 10.40 8.53 8.19
CA TYR B 100 9.69 7.35 7.70
C TYR B 100 8.73 6.83 8.77
N PRO B 101 7.63 6.19 8.35
CA PRO B 101 6.67 5.66 9.33
C PRO B 101 7.23 4.46 10.07
N LEU B 102 6.60 4.15 11.20
CA LEU B 102 6.99 3.04 12.05
C LEU B 102 5.75 2.24 12.46
N LEU B 103 5.97 1.02 12.92
CA LEU B 103 4.90 0.12 13.30
C LEU B 103 4.90 -0.10 14.81
N LYS B 104 3.77 0.20 15.45
CA LYS B 104 3.60 -0.09 16.87
C LYS B 104 3.04 -1.50 17.05
N THR B 105 3.68 -2.26 17.92
CA THR B 105 3.29 -3.63 18.27
C THR B 105 3.02 -3.66 19.76
N THR B 106 1.80 -4.05 20.13
CA THR B 106 1.41 -4.18 21.53
C THR B 106 1.05 -5.63 21.80
N VAL B 107 1.64 -6.20 22.85
CA VAL B 107 1.38 -7.58 23.24
C VAL B 107 0.78 -7.60 24.64
N LYS B 108 -0.45 -8.12 24.75
CA LYS B 108 -1.15 -8.28 26.01
C LYS B 108 -1.06 -9.74 26.43
N TYR B 109 -0.59 -10.00 27.65
CA TYR B 109 -0.31 -11.38 28.04
C TYR B 109 -0.43 -11.52 29.56
N GLY B 110 -0.89 -12.69 29.98
CA GLY B 110 -0.94 -13.06 31.39
C GLY B 110 -2.26 -12.69 32.06
N ILE B 111 -2.42 -13.22 33.27
CA ILE B 111 -3.57 -12.85 34.10
C ILE B 111 -3.54 -11.37 34.43
N GLY B 112 -2.34 -10.83 34.69
CA GLY B 112 -2.22 -9.40 34.91
C GLY B 112 -2.53 -8.55 33.71
N LYS B 113 -2.74 -9.17 32.54
CA LYS B 113 -3.02 -8.42 31.32
C LYS B 113 -1.98 -7.33 31.09
N LYS B 114 -0.71 -7.65 31.35
CA LYS B 114 0.40 -6.79 30.98
C LYS B 114 0.40 -6.53 29.48
N GLU B 115 0.86 -5.34 29.10
CA GLU B 115 0.94 -4.93 27.70
C GLU B 115 2.34 -4.41 27.43
N ALA B 116 3.11 -5.17 26.66
CA ALA B 116 4.41 -4.73 26.19
C ALA B 116 4.24 -4.09 24.83
N THR B 117 4.82 -2.91 24.66
CA THR B 117 4.75 -2.14 23.42
C THR B 117 6.13 -2.09 22.77
N TYR B 118 6.18 -2.44 21.50
CA TYR B 118 7.41 -2.47 20.73
C TYR B 118 7.24 -1.60 19.49
N LEU B 119 8.33 -0.96 19.09
CA LEU B 119 8.36 -0.18 17.86
C LEU B 119 9.32 -0.86 16.89
N ALA B 120 8.89 -1.03 15.65
CA ALA B 120 9.62 -1.77 14.64
C ALA B 120 9.85 -0.89 13.41
N LEU B 121 11.05 -0.98 12.86
CA LEU B 121 11.45 -0.29 11.63
C LEU B 121 11.23 -1.14 10.39
N ASN B 122 11.58 -2.43 10.46
CA ASN B 122 11.29 -3.35 9.35
C ASN B 122 9.91 -3.97 9.53
N GLU B 123 9.77 -4.85 10.52
CA GLU B 123 8.51 -5.56 10.67
C GLU B 123 8.45 -6.20 12.04
N SER B 124 7.28 -6.78 12.33
CA SER B 124 7.07 -7.66 13.47
C SER B 124 6.37 -8.90 12.95
N THR B 125 6.87 -10.07 13.34
CA THR B 125 6.28 -11.32 12.90
C THR B 125 5.82 -12.13 14.10
N VAL B 126 4.87 -13.02 13.86
CA VAL B 126 4.29 -13.85 14.90
C VAL B 126 4.32 -15.29 14.44
N LYS B 127 5.00 -16.14 15.20
CA LYS B 127 5.04 -17.58 14.95
C LYS B 127 4.75 -18.31 16.26
N SER B 128 4.28 -19.54 16.14
CA SER B 128 3.90 -20.34 17.29
C SER B 128 5.13 -20.83 18.05
N SER B 129 4.87 -21.56 19.13
CA SER B 129 5.89 -22.15 19.99
C SER B 129 6.47 -23.45 19.42
N GLY B 130 6.11 -23.83 18.20
CA GLY B 130 6.59 -25.06 17.62
C GLY B 130 5.47 -25.89 17.01
N GLY B 131 4.28 -25.78 17.57
CA GLY B 131 3.14 -26.52 17.08
C GLY B 131 2.34 -25.76 16.04
N PRO B 132 1.03 -25.94 16.06
CA PRO B 132 0.17 -25.26 15.10
C PRO B 132 -0.08 -23.82 15.49
N PHE B 133 -0.06 -22.94 14.49
CA PHE B 133 -0.31 -21.51 14.66
C PHE B 133 -1.71 -21.22 14.13
N VAL B 134 -2.60 -20.78 15.03
CA VAL B 134 -3.97 -20.44 14.66
C VAL B 134 -4.35 -19.21 15.46
N VAL B 135 -4.64 -18.12 14.75
CA VAL B 135 -5.07 -16.88 15.38
C VAL B 135 -6.23 -16.29 14.58
N ASP B 136 -7.10 -15.59 15.29
CA ASP B 136 -8.14 -14.80 14.66
C ASP B 136 -7.59 -13.41 14.36
N VAL B 137 -7.78 -12.96 13.13
CA VAL B 137 -7.35 -11.65 12.68
C VAL B 137 -8.55 -10.71 12.80
N VAL B 138 -8.47 -9.77 13.74
CA VAL B 138 -9.51 -8.76 13.94
C VAL B 138 -8.98 -7.44 13.40
N ILE B 139 -9.71 -6.86 12.44
CA ILE B 139 -9.40 -5.54 11.91
C ILE B 139 -10.43 -4.58 12.46
N ASN B 140 -10.00 -3.72 13.39
CA ASN B 140 -10.88 -2.79 14.08
C ASN B 140 -11.99 -3.55 14.81
N ASP B 141 -13.22 -3.51 14.30
CA ASP B 141 -14.33 -4.24 14.91
C ASP B 141 -14.80 -5.42 14.06
N ILE B 142 -13.96 -5.90 13.16
CA ILE B 142 -14.36 -6.91 12.18
C ILE B 142 -13.51 -8.16 12.35
N HIS B 143 -14.16 -9.28 12.58
CA HIS B 143 -13.45 -10.56 12.61
C HIS B 143 -13.18 -10.96 11.16
N PHE B 144 -11.98 -10.63 10.68
CA PHE B 144 -11.71 -10.79 9.26
C PHE B 144 -11.52 -12.25 8.89
N GLU B 145 -10.69 -12.97 9.63
CA GLU B 145 -10.38 -14.35 9.26
C GLU B 145 -9.76 -15.03 10.46
N ARG B 146 -9.83 -16.36 10.45
CA ARG B 146 -9.08 -17.19 11.39
C ARG B 146 -7.91 -17.82 10.64
N PHE B 147 -6.70 -17.35 10.93
CA PHE B 147 -5.50 -17.74 10.17
C PHE B 147 -4.89 -19.00 10.75
N ARG B 148 -4.49 -19.91 9.87
CA ARG B 148 -3.80 -21.14 10.23
C ARG B 148 -2.62 -21.29 9.28
N GLY B 149 -1.41 -21.34 9.84
CA GLY B 149 -0.23 -21.44 9.00
C GLY B 149 1.02 -21.27 9.83
N ASP B 150 2.09 -20.84 9.16
CA ASP B 150 3.36 -20.74 9.86
C ASP B 150 3.46 -19.47 10.70
N GLY B 151 2.87 -18.36 10.23
CA GLY B 151 2.86 -17.15 11.01
C GLY B 151 2.37 -15.99 10.16
N LEU B 152 2.48 -14.79 10.73
CA LEU B 152 2.03 -13.56 10.10
C LEU B 152 3.11 -12.50 10.21
N CYS B 153 3.29 -11.74 9.13
CA CYS B 153 4.29 -10.67 9.08
C CYS B 153 3.59 -9.34 8.90
N MET B 154 3.96 -8.35 9.71
CA MET B 154 3.42 -7.00 9.60
C MET B 154 4.59 -6.05 9.40
N SER B 155 4.59 -5.36 8.26
CA SER B 155 5.75 -4.62 7.80
C SER B 155 5.46 -3.13 7.73
N THR B 156 6.51 -2.32 7.90
CA THR B 156 6.43 -0.90 7.63
C THR B 156 6.61 -0.64 6.15
N PRO B 157 6.36 0.58 5.68
CA PRO B 157 6.70 0.92 4.29
C PRO B 157 8.15 0.61 3.96
N SER B 158 9.10 1.16 4.72
CA SER B 158 10.51 0.87 4.47
C SER B 158 10.86 -0.59 4.72
N GLY B 159 10.03 -1.31 5.50
CA GLY B 159 10.23 -2.72 5.72
C GLY B 159 9.72 -3.64 4.62
N THR B 160 8.98 -3.11 3.64
CA THR B 160 8.47 -4.00 2.60
C THR B 160 9.56 -4.55 1.69
N THR B 161 10.75 -3.94 1.66
CA THR B 161 11.83 -4.46 0.82
C THR B 161 12.64 -5.55 1.51
N ALA B 162 12.25 -5.96 2.71
CA ALA B 162 12.96 -7.01 3.42
C ALA B 162 12.12 -8.28 3.45
N TYR B 163 11.91 -8.79 4.66
CA TYR B 163 11.14 -10.02 4.84
C TYR B 163 9.83 -9.97 4.07
N ASN B 164 9.08 -8.88 4.22
CA ASN B 164 7.83 -8.72 3.49
C ASN B 164 7.99 -9.17 2.04
N LYS B 165 9.00 -8.62 1.35
CA LYS B 165 9.26 -8.99 -0.03
C LYS B 165 9.36 -10.50 -0.19
N SER B 166 10.15 -11.16 0.65
CA SER B 166 10.35 -12.60 0.54
C SER B 166 9.04 -13.37 0.72
N LEU B 167 8.03 -12.75 1.30
CA LEU B 167 6.75 -13.41 1.52
C LEU B 167 5.76 -13.17 0.39
N GLY B 168 6.14 -12.41 -0.63
CA GLY B 168 5.22 -12.02 -1.67
C GLY B 168 4.50 -10.70 -1.43
N GLY B 169 4.80 -9.99 -0.35
CA GLY B 169 4.18 -8.70 -0.11
C GLY B 169 4.53 -7.69 -1.18
N ALA B 170 3.96 -6.48 -1.12
CA ALA B 170 4.22 -5.42 -2.07
C ALA B 170 5.20 -4.39 -1.50
N LEU B 171 5.83 -3.63 -2.38
CA LEU B 171 6.74 -2.58 -1.95
C LEU B 171 5.97 -1.26 -1.89
N MET B 172 5.96 -0.64 -0.72
CA MET B 172 5.29 0.63 -0.48
C MET B 172 6.29 1.76 -0.31
N HIS B 173 6.04 2.86 -0.98
CA HIS B 173 6.85 4.05 -0.77
C HIS B 173 6.72 4.51 0.68
N PRO B 174 7.84 4.88 1.32
CA PRO B 174 7.78 5.31 2.74
C PRO B 174 6.95 6.57 2.98
N SER B 175 6.47 7.24 1.95
CA SER B 175 5.60 8.38 2.23
C SER B 175 4.18 7.94 2.56
N ILE B 176 3.84 6.68 2.34
CA ILE B 176 2.52 6.14 2.66
C ILE B 176 2.55 5.62 4.09
N GLU B 177 1.93 6.35 5.02
CA GLU B 177 1.87 5.97 6.43
C GLU B 177 0.91 4.80 6.57
N ALA B 178 1.40 3.61 6.24
CA ALA B 178 0.61 2.40 6.26
C ALA B 178 1.45 1.27 6.81
N MET B 179 0.79 0.13 6.99
CA MET B 179 1.46 -1.09 7.42
C MET B 179 0.87 -2.23 6.61
N GLN B 180 1.69 -3.25 6.35
CA GLN B 180 1.28 -4.32 5.45
C GLN B 180 1.37 -5.67 6.15
N LEU B 181 0.35 -6.52 5.91
CA LEU B 181 0.21 -7.82 6.54
C LEU B 181 0.34 -8.90 5.48
N THR B 182 1.32 -9.78 5.65
CA THR B 182 1.52 -10.89 4.72
C THR B 182 1.47 -12.19 5.49
N GLU B 183 1.03 -13.24 4.79
CA GLU B 183 0.85 -14.56 5.38
C GLU B 183 2.12 -15.38 5.21
N MET B 184 2.32 -16.30 6.15
CA MET B 184 3.40 -17.30 6.05
C MET B 184 2.78 -18.68 5.92
N ALA B 185 2.95 -19.30 4.75
CA ALA B 185 2.45 -20.64 4.47
C ALA B 185 1.10 -20.90 5.13
N SER B 186 0.08 -20.16 4.67
CA SER B 186 -1.28 -20.36 5.14
C SER B 186 -1.85 -21.64 4.55
N ILE B 187 -2.57 -22.39 5.37
CA ILE B 187 -3.28 -23.57 4.90
C ILE B 187 -4.63 -23.15 4.35
N ASN B 188 -4.99 -23.67 3.18
CA ASN B 188 -6.24 -23.30 2.53
C ASN B 188 -6.85 -24.55 1.91
N ASN B 189 -8.01 -24.95 2.42
CA ASN B 189 -8.79 -26.02 1.82
C ASN B 189 -10.26 -25.62 1.92
N ARG B 190 -11.14 -26.57 2.26
CA ARG B 190 -12.53 -26.24 2.50
C ARG B 190 -12.87 -26.00 3.96
N VAL B 191 -12.09 -26.57 4.89
CA VAL B 191 -12.33 -26.35 6.32
C VAL B 191 -11.67 -25.06 6.82
N TYR B 192 -10.63 -24.58 6.13
CA TYR B 192 -9.87 -23.41 6.55
C TYR B 192 -9.63 -22.53 5.34
N ARG B 193 -9.81 -21.22 5.51
CA ARG B 193 -9.62 -20.25 4.42
C ARG B 193 -8.96 -18.99 4.95
N THR B 194 -8.07 -18.43 4.16
CA THR B 194 -7.47 -17.14 4.44
C THR B 194 -7.65 -16.26 3.22
N ILE B 195 -7.30 -14.99 3.35
CA ILE B 195 -7.42 -14.09 2.21
C ILE B 195 -6.33 -14.38 1.18
N GLY B 196 -5.15 -14.79 1.63
CA GLY B 196 -4.15 -15.22 0.68
C GLY B 196 -3.50 -14.05 -0.02
N SER B 197 -4.00 -12.86 0.22
CA SER B 197 -3.44 -11.68 -0.41
C SER B 197 -2.82 -10.79 0.65
N PRO B 198 -1.72 -10.09 0.36
CA PRO B 198 -1.25 -9.11 1.32
C PRO B 198 -2.32 -8.04 1.52
N LEU B 199 -2.31 -7.45 2.72
CA LEU B 199 -3.23 -6.37 3.08
C LEU B 199 -2.44 -5.15 3.52
N VAL B 200 -2.90 -3.98 3.08
CA VAL B 200 -2.29 -2.70 3.43
C VAL B 200 -3.32 -1.90 4.22
N PHE B 201 -2.98 -1.55 5.47
CA PHE B 201 -3.87 -0.83 6.38
C PHE B 201 -3.41 0.62 6.55
N PRO B 202 -4.35 1.56 6.62
CA PRO B 202 -4.00 2.97 6.76
C PRO B 202 -3.66 3.35 8.19
N LYS B 203 -3.41 4.63 8.40
CA LYS B 203 -2.87 5.14 9.65
C LYS B 203 -3.80 4.97 10.84
N HIS B 204 -5.11 4.83 10.62
CA HIS B 204 -6.05 4.84 11.74
C HIS B 204 -6.56 3.45 12.10
N HIS B 205 -6.12 2.41 11.40
CA HIS B 205 -6.64 1.07 11.60
C HIS B 205 -5.78 0.26 12.56
N VAL B 206 -6.41 -0.68 13.24
CA VAL B 206 -5.74 -1.54 14.23
C VAL B 206 -6.04 -2.99 13.93
N VAL B 207 -5.00 -3.78 13.72
CA VAL B 207 -5.13 -5.23 13.54
C VAL B 207 -4.81 -5.90 14.86
N SER B 208 -5.70 -6.80 15.28
CA SER B 208 -5.62 -7.45 16.58
C SER B 208 -5.60 -8.96 16.36
N LEU B 209 -4.42 -9.55 16.46
CA LEU B 209 -4.28 -11.00 16.39
C LEU B 209 -4.69 -11.63 17.71
N GLN B 210 -5.59 -12.61 17.66
CA GLN B 210 -6.06 -13.19 18.90
C GLN B 210 -5.90 -14.71 18.85
N PRO B 211 -5.29 -15.30 19.88
CA PRO B 211 -5.09 -16.75 19.91
C PRO B 211 -6.42 -17.49 19.94
N VAL B 212 -6.38 -18.73 19.47
CA VAL B 212 -7.55 -19.59 19.43
C VAL B 212 -7.40 -20.78 20.38
N ASN B 213 -6.21 -21.38 20.43
CA ASN B 213 -5.98 -22.53 21.30
C ASN B 213 -4.79 -22.29 22.21
N ASP B 214 -3.62 -22.75 21.80
CA ASP B 214 -2.38 -22.46 22.53
C ASP B 214 -2.11 -20.96 22.52
N LYS B 215 -1.52 -20.47 23.60
CA LYS B 215 -1.35 -19.05 23.83
C LYS B 215 0.11 -18.60 23.89
N ASP B 216 1.06 -19.46 23.53
CA ASP B 216 2.47 -19.09 23.48
C ASP B 216 2.86 -18.76 22.04
N PHE B 217 3.61 -17.66 21.86
CA PHE B 217 3.98 -17.20 20.54
C PHE B 217 5.40 -16.63 20.54
N GLN B 218 6.10 -16.84 19.43
CA GLN B 218 7.42 -16.29 19.21
C GLN B 218 7.26 -15.03 18.38
N ILE B 219 7.51 -13.89 19.00
CA ILE B 219 7.27 -12.59 18.39
C ILE B 219 8.61 -11.96 18.07
N SER B 220 8.81 -11.61 16.81
CA SER B 220 10.02 -10.95 16.39
C SER B 220 9.72 -9.47 16.18
N VAL B 221 10.70 -8.63 16.51
CA VAL B 221 10.65 -7.20 16.24
C VAL B 221 11.97 -6.84 15.61
N ASP B 222 11.99 -6.74 14.28
CA ASP B 222 13.21 -6.44 13.51
C ASP B 222 14.21 -7.57 13.73
N HIS B 223 15.42 -7.31 14.18
CA HIS B 223 16.40 -8.38 14.36
C HIS B 223 16.18 -9.17 15.65
N LEU B 224 15.16 -8.85 16.43
CA LEU B 224 14.91 -9.50 17.71
C LEU B 224 13.80 -10.53 17.57
N SER B 225 13.77 -11.46 18.53
CA SER B 225 12.74 -12.51 18.56
C SER B 225 12.49 -12.86 20.03
N ILE B 226 11.32 -12.48 20.55
CA ILE B 226 10.98 -12.69 21.96
C ILE B 226 9.90 -13.76 22.06
N LEU B 227 9.97 -14.55 23.13
CA LEU B 227 8.93 -15.52 23.45
C LEU B 227 7.99 -14.92 24.48
N HIS B 228 6.70 -14.88 24.16
CA HIS B 228 5.67 -14.42 25.08
C HIS B 228 4.71 -15.57 25.39
N ARG B 229 4.45 -15.78 26.68
CA ARG B 229 3.55 -16.83 27.12
C ARG B 229 2.20 -16.24 27.53
N ASP B 230 1.14 -17.05 27.35
CA ASP B 230 -0.22 -16.65 27.70
C ASP B 230 -0.60 -15.33 27.05
N VAL B 231 -0.36 -15.26 25.73
CA VAL B 231 -0.73 -14.08 24.97
C VAL B 231 -2.23 -14.05 24.78
N GLN B 232 -2.84 -12.89 25.07
CA GLN B 232 -4.25 -12.65 24.82
C GLN B 232 -4.48 -11.88 23.54
N GLU B 233 -3.57 -10.99 23.17
CA GLU B 233 -3.76 -10.17 21.98
C GLU B 233 -2.42 -9.64 21.51
N ILE B 234 -2.24 -9.58 20.20
CA ILE B 234 -1.12 -8.88 19.59
C ILE B 234 -1.71 -7.78 18.71
N ARG B 235 -1.44 -6.54 19.07
CA ARG B 235 -2.04 -5.40 18.40
C ARG B 235 -1.02 -4.75 17.47
N TYR B 236 -1.47 -4.43 16.26
CA TYR B 236 -0.62 -3.77 15.26
C TYR B 236 -1.28 -2.47 14.80
N GLU B 237 -0.48 -1.41 14.71
CA GLU B 237 -0.97 -0.12 14.19
C GLU B 237 0.22 0.73 13.79
N VAL B 238 -0.02 1.62 12.82
CA VAL B 238 0.99 2.61 12.45
C VAL B 238 1.29 3.47 13.68
N SER B 239 2.58 3.60 14.00
CA SER B 239 2.96 4.32 15.20
C SER B 239 2.76 5.81 15.00
N ALA B 240 2.53 6.52 16.11
CA ALA B 240 2.56 7.98 16.01
C ALA B 240 3.99 8.47 15.86
N LYS B 241 4.96 7.73 16.38
CA LYS B 241 6.36 8.10 16.31
C LYS B 241 6.92 7.75 14.94
N LYS B 242 7.87 8.56 14.49
CA LYS B 242 8.52 8.36 13.20
C LYS B 242 10.02 8.45 13.38
N ILE B 243 10.77 7.69 12.58
CA ILE B 243 12.23 7.75 12.58
C ILE B 243 12.67 8.90 11.68
N HIS B 244 13.62 9.70 12.15
CA HIS B 244 14.12 10.84 11.41
C HIS B 244 15.50 10.51 10.85
N PHE B 245 15.69 10.77 9.56
CA PHE B 245 16.98 10.63 8.88
C PHE B 245 17.54 12.01 8.53
N ALA B 246 18.84 12.20 8.77
CA ALA B 246 19.52 13.40 8.31
C ALA B 246 20.07 13.12 6.91
N ARG B 247 19.47 13.73 5.90
CA ARG B 247 19.84 13.51 4.52
C ARG B 247 20.50 14.77 3.96
N PHE B 248 21.53 14.57 3.15
CA PHE B 248 22.28 15.68 2.57
C PHE B 248 22.24 15.69 1.06
N ARG B 249 21.62 14.68 0.44
CA ARG B 249 21.61 14.54 -1.01
C ARG B 249 20.45 13.63 -1.38
N SER B 250 20.13 13.61 -2.68
CA SER B 250 18.95 12.92 -3.20
C SER B 250 19.27 11.45 -3.45
N PHE B 251 18.60 10.56 -2.71
CA PHE B 251 18.66 9.12 -2.95
C PHE B 251 17.24 8.59 -2.89
N PRO B 252 16.45 8.82 -3.94
CA PRO B 252 15.03 8.43 -3.91
C PRO B 252 14.83 6.97 -3.58
N PHE B 253 13.68 6.68 -2.97
CA PHE B 253 13.39 5.34 -2.49
C PHE B 253 13.42 4.30 -3.61
N TRP B 254 12.74 4.58 -4.72
CA TRP B 254 12.70 3.62 -5.82
C TRP B 254 14.08 3.38 -6.39
N ARG B 255 14.89 4.44 -6.51
CA ARG B 255 16.27 4.25 -6.92
C ARG B 255 17.00 3.32 -5.94
N ARG B 256 16.75 3.50 -4.63
CA ARG B 256 17.31 2.58 -3.63
C ARG B 256 16.77 1.16 -3.81
N VAL B 257 15.49 1.04 -4.20
CA VAL B 257 14.95 -0.25 -4.58
C VAL B 257 15.63 -0.76 -5.85
N HIS B 258 15.84 0.12 -6.82
CA HIS B 258 16.46 -0.31 -8.07
C HIS B 258 17.85 -0.87 -7.80
N ASP B 259 18.65 -0.17 -6.99
CA ASP B 259 20.04 -0.56 -6.81
C ASP B 259 20.17 -1.85 -6.02
N SER B 260 19.18 -2.14 -5.17
CA SER B 260 19.25 -3.32 -4.31
C SER B 260 18.83 -4.60 -5.02
N PHE B 261 17.86 -4.53 -5.93
CA PHE B 261 17.28 -5.73 -6.52
C PHE B 261 17.38 -5.80 -8.04
N ILE B 262 17.60 -4.69 -8.72
CA ILE B 262 17.61 -4.65 -10.18
C ILE B 262 19.04 -4.34 -10.64
N GLU B 263 19.59 -5.21 -11.49
CA GLU B 263 20.94 -5.02 -11.99
C GLU B 263 20.90 -4.54 -13.44
N ASP B 264 22.04 -4.06 -13.92
CA ASP B 264 22.18 -3.53 -15.27
C ASP B 264 21.02 -2.58 -15.64
N1 OWU C . -9.42 -11.81 -12.49
C7 OWU C . -14.39 -5.73 -15.53
C8 OWU C . -16.48 -5.81 -14.28
N2 OWU C . -10.63 -9.74 -12.16
C9 OWU C . -16.05 -5.97 -12.88
O1 OWU C . -15.11 -9.20 -10.84
C1 OWU C . -10.05 -10.88 -11.76
O5 OWU C . -17.63 -10.91 -10.20
C5 OWU C . -11.69 -7.36 -13.76
C6 OWU C . -13.34 -5.90 -14.45
N3 OWU C . -9.97 -9.98 -15.67
C4 OWU C . -10.65 -8.85 -15.54
O4 OWU C . -15.76 -8.23 -18.33
C3 OWU C . -9.89 -10.46 -14.36
O3 OWU C . -16.49 -11.67 -14.90
C2 OWU C . -10.51 -9.59 -13.49
N4 OWU C . -10.99 -8.56 -14.25
N OWU C . -8.66 -12.54 -14.54
C OWU C . -9.31 -11.62 -13.82
O OWU C . -12.97 -7.29 -14.36
C10 OWU C . -15.73 -6.19 -11.75
C11 OWU C . -15.23 -6.15 -10.43
C12 OWU C . -14.27 -5.55 -8.62
C13 OWU C . -13.59 -4.92 -7.55
C14 OWU C . -13.87 -6.88 -6.37
C15 OWU C . -14.68 -6.86 -8.41
C16 OWU C . -15.91 -8.53 -9.88
C17 OWU C . -15.96 -10.02 -11.68
C18 OWU C . -15.77 -9.65 -13.15
C19 OWU C . -14.33 -11.33 -16.31
C20 OWU C . -14.11 -9.85 -16.58
C21 OWU C . -15.79 -8.14 -17.11
C22 OWU C . -16.37 -6.91 -16.42
C23 OWU C . -17.37 -9.88 -11.14
C24 OWU C . -17.32 -8.50 -10.48
C25 OWU C . -12.03 -5.18 -14.78
C26 OWU C . -10.96 -6.05 -14.09
N10 OWU C . -15.31 -7.24 -9.59
N11 OWU C . -14.69 -10.42 -13.76
N12 OWU C . -15.32 -9.08 -16.30
N5 OWU C . -15.62 -6.47 -15.25
N6 OWU C . -14.62 -5.11 -9.89
N7 OWU C . -13.13 -3.66 -7.61
N8 OWU C . -13.42 -5.63 -6.42
N9 OWU C . -14.52 -7.58 -7.30
O2 OWU C . -14.42 -12.84 -14.19
O6 OWU C . -18.32 -8.37 -9.48
O7 OWU C . -12.01 -3.88 -14.22
O8 OWU C . -10.48 -5.43 -12.90
S OWU C . -15.06 -11.68 -14.73
OH2 1PE D . -19.45 18.62 -0.61
C12 1PE D . -19.41 18.79 -2.02
C22 1PE D . -19.21 17.42 -2.66
OH3 1PE D . -18.49 17.47 -3.89
C13 1PE D . -19.56 15.43 -4.76
C23 1PE D . -19.20 16.87 -4.98
OH4 1PE D . -20.64 15.08 -5.62
C14 1PE D . -22.70 15.97 -6.07
C24 1PE D . -21.91 15.27 -5.03
OH5 1PE D . -24.07 15.78 -5.78
C15 1PE D . -25.19 16.15 -3.77
C25 1PE D . -24.46 16.79 -4.89
OH6 1PE D . -24.65 16.60 -2.54
C16 1PE D . -24.83 18.27 -0.85
C26 1PE D . -25.22 17.84 -2.22
OH7 1PE D . -24.43 17.15 -0.05
HO2 1PE D . -18.97 17.78 -0.40
H121 1PE D . -18.60 19.49 -2.21
H122 1PE D . -20.34 19.27 -2.30
H221 1PE D . -18.68 16.78 -1.96
H222 1PE D . -20.18 16.97 -2.83
H131 1PE D . -18.70 14.79 -4.95
H132 1PE D . -19.83 15.27 -3.72
H231 1PE D . -18.60 16.94 -5.89
H232 1PE D . -20.11 17.43 -5.18
H141 1PE D . -22.43 15.57 -7.05
H142 1PE D . -22.42 17.01 -6.07
H241 1PE D . -22.37 14.32 -4.75
H242 1PE D . -21.84 15.86 -4.12
H151 1PE D . -25.14 15.06 -3.83
H152 1PE D . -26.25 16.39 -3.81
H251 1PE D . -25.03 17.50 -5.48
H252 1PE D . -23.54 17.31 -4.60
H161 1PE D . -25.65 18.79 -0.37
H162 1PE D . -24.00 18.98 -0.91
H261 1PE D . -24.92 18.61 -2.94
H262 1PE D . -26.31 17.80 -2.28
HO7 1PE D . -23.68 17.43 0.55
P PO4 E . -22.72 -6.99 -14.35
O1 PO4 E . -23.84 -7.75 -13.67
O2 PO4 E . -22.96 -5.51 -14.20
O3 PO4 E . -22.72 -7.29 -15.83
O4 PO4 E . -21.39 -7.40 -13.75
N1 OWU F . 13.92 -12.77 3.66
C7 OWU F . 16.89 -8.61 10.42
C8 OWU F . 18.67 -7.11 9.67
N2 OWU F . 14.43 -10.67 4.72
C9 OWU F . 18.38 -6.69 8.29
O1 OWU F . 18.40 -8.24 4.74
C1 OWU F . 14.16 -11.45 3.67
O5 OWU F . 21.19 -8.44 3.44
C5 OWU F . 14.94 -9.52 7.51
C6 OWU F . 15.90 -8.41 9.28
N3 OWU F . 14.32 -13.11 7.33
C4 OWU F . 14.62 -12.00 7.95
O4 OWU F . 19.25 -11.36 11.76
C3 OWU F . 14.22 -12.73 6.00
O3 OWU F . 20.70 -12.05 6.61
C2 OWU F . 14.45 -11.37 5.85
N4 OWU F . 14.70 -10.90 7.12
N OWU F . 13.68 -14.76 4.79
C OWU F . 13.94 -13.45 4.82
O OWU F . 16.10 -9.48 8.33
C10 OWU F . 18.06 -6.30 7.21
C11 OWU F . 17.46 -5.65 6.09
C12 OWU F . 16.22 -4.43 4.85
C13 OWU F . 15.26 -3.60 4.26
C14 OWU F . 15.98 -4.39 2.21
C15 OWU F . 17.00 -5.19 3.99
C16 OWU F . 18.81 -6.94 4.37
C17 OWU F . 19.54 -9.04 5.09
C18 OWU F . 19.43 -9.51 6.53
C19 OWU F . 18.79 -13.06 8.06
C20 OWU F . 18.19 -12.11 9.09
C21 OWU F . 19.23 -10.64 10.75
C22 OWU F . 19.26 -9.13 10.86
C23 OWU F . 20.76 -8.17 4.77
C24 OWU F . 20.21 -6.76 4.96
C25 OWU F . 14.42 -8.49 9.63
C26 OWU F . 13.77 -8.94 8.32
N10 OWU F . 17.80 -5.98 4.80
N11 OWU F . 18.61 -10.73 6.62
N12 OWU F . 19.18 -11.13 9.52
N5 OWU F . 18.28 -8.49 9.99
N6 OWU F . 16.53 -4.72 6.18
N7 OWU F . 14.46 -2.78 4.96
N8 OWU F . 15.15 -3.62 2.91
N9 OWU F . 16.93 -5.22 2.65
O2 OWU F . 18.69 -12.91 5.46
O6 OWU F . 20.94 -5.75 4.28
O7 OWU F . 13.89 -7.24 10.03
O8 OWU F . 13.17 -7.89 7.56
S OWU F . 19.28 -12.23 6.57
P PO4 G . 25.16 -6.10 9.89
O1 PO4 G . 24.02 -6.80 9.19
O2 PO4 G . 25.48 -6.83 11.18
O3 PO4 G . 26.38 -6.06 9.00
O4 PO4 G . 24.75 -4.70 10.22
#